data_4CTK
#
_entry.id   4CTK
#
_cell.length_a   61.260
_cell.length_b   185.100
_cell.length_c   52.020
_cell.angle_alpha   90.00
_cell.angle_beta   90.00
_cell.angle_gamma   90.00
#
_symmetry.space_group_name_H-M   'P 21 21 2'
#
loop_
_entity.id
_entity.type
_entity.pdbx_description
1 polymer POLYPROTEIN
2 non-polymer S-ADENOSYLMETHIONINE
3 non-polymer thieno[2,3-b]pyrazin-7-amine
4 non-polymer 'SODIUM ION'
5 non-polymer 'DIMETHYL SULFOXIDE'
6 water water
#
_entity_poly.entity_id   1
_entity_poly.type   'polypeptide(L)'
_entity_poly.pdbx_seq_one_letter_code
;GTGSQGETLGEKWKKKLNQLSRKEFDLYKKSGITEVDRTEAKEGLKRGETTHHAVSRGSAKLQWFVERNMVIPEGRVIDL
GCGRGGWSYYCAGLKKVTEVRGYTKGGPGHEEPVPMSTYGWNIVKLMSGKDVFYLPPEKCDTLLCDIGESSPSPTVEESR
TIRVLKMVEPWLKNNQFCIKVLNPYMPTVIEHLERLQRKHGGMLVRNPLSRNSTHEMYWISNGTGNIVSSVNMVSRLLLN
RFTMTHRRPTIEKDVDLGAGTRHVNAEPETPNMDVI
;
_entity_poly.pdbx_strand_id   A,C
#
# COMPACT_ATOMS: atom_id res chain seq x y z
N GLU A 7 24.16 -16.85 13.33
CA GLU A 7 24.20 -15.39 13.49
C GLU A 7 25.01 -14.76 12.36
N THR A 8 24.42 -13.79 11.66
CA THR A 8 25.11 -13.12 10.55
C THR A 8 26.16 -12.13 11.02
N LEU A 9 27.13 -11.81 10.13
CA LEU A 9 28.17 -10.81 10.36
C LEU A 9 27.47 -9.47 10.68
N GLY A 10 26.38 -9.19 9.96
CA GLY A 10 25.61 -7.96 10.18
C GLY A 10 25.02 -7.87 11.59
N GLU A 11 24.55 -8.99 12.13
CA GLU A 11 23.99 -9.00 13.49
C GLU A 11 25.11 -8.79 14.50
N LYS A 12 26.33 -9.29 14.20
CA LYS A 12 27.46 -9.06 15.13
C LYS A 12 27.81 -7.56 15.12
N TRP A 13 27.81 -6.93 13.95
CA TRP A 13 28.04 -5.50 13.83
C TRP A 13 26.97 -4.72 14.63
N LYS A 14 25.72 -5.13 14.51
CA LYS A 14 24.62 -4.44 15.19
C LYS A 14 24.79 -4.50 16.72
N LYS A 15 25.16 -5.68 17.24
CA LYS A 15 25.37 -5.81 18.69
C LYS A 15 26.50 -4.87 19.17
N LYS A 16 27.60 -4.79 18.42
CA LYS A 16 28.72 -3.92 18.77
C LYS A 16 28.29 -2.45 18.69
N LEU A 17 27.56 -2.07 17.63
CA LEU A 17 27.09 -0.69 17.49
C LEU A 17 26.25 -0.30 18.70
N ASN A 18 25.35 -1.18 19.13
CA ASN A 18 24.44 -0.87 20.25
C ASN A 18 25.15 -0.68 21.59
N GLN A 19 26.37 -1.23 21.74
CA GLN A 19 27.14 -1.11 22.97
C GLN A 19 27.98 0.16 23.04
N LEU A 20 28.12 0.88 21.90
CA LEU A 20 28.91 2.09 21.91
C LEU A 20 28.31 3.17 22.77
N SER A 21 29.17 3.91 23.48
CA SER A 21 28.75 5.07 24.25
C SER A 21 28.45 6.14 23.20
N ARG A 22 27.81 7.25 23.61
CA ARG A 22 27.53 8.31 22.65
C ARG A 22 28.87 8.83 22.06
N LYS A 23 29.90 9.02 22.90
CA LYS A 23 31.20 9.50 22.40
C LYS A 23 31.80 8.54 21.35
N GLU A 24 31.82 7.24 21.64
CA GLU A 24 32.35 6.24 20.71
C GLU A 24 31.51 6.23 19.40
N PHE A 25 30.18 6.28 19.54
CA PHE A 25 29.28 6.32 18.38
C PHE A 25 29.57 7.53 17.52
N ASP A 26 29.72 8.70 18.13
CA ASP A 26 30.00 9.91 17.37
C ASP A 26 31.33 9.82 16.65
N LEU A 27 32.36 9.15 17.25
CA LEU A 27 33.65 8.97 16.55
C LEU A 27 33.58 7.88 15.46
N TYR A 28 32.72 6.90 15.62
CA TYR A 28 32.60 5.81 14.67
C TYR A 28 31.78 6.14 13.41
N LYS A 29 30.64 6.83 13.57
CA LYS A 29 29.65 7.03 12.53
C LYS A 29 30.18 7.61 11.22
N LYS A 30 31.21 8.50 11.23
CA LYS A 30 31.71 9.04 9.96
C LYS A 30 33.12 8.57 9.63
N SER A 31 33.66 7.61 10.44
CA SER A 31 35.03 7.16 10.22
C SER A 31 35.23 6.59 8.81
N GLY A 32 36.07 7.24 8.02
CA GLY A 32 36.41 6.76 6.68
C GLY A 32 35.33 6.87 5.62
N ILE A 33 34.19 7.54 5.92
CA ILE A 33 33.11 7.66 4.93
C ILE A 33 33.43 8.82 3.98
N THR A 34 32.53 9.06 3.03
CA THR A 34 32.61 10.23 2.16
C THR A 34 31.43 11.07 2.56
N GLU A 35 31.60 12.41 2.51
CA GLU A 35 30.46 13.30 2.76
C GLU A 35 30.65 14.61 2.01
N VAL A 36 29.53 15.25 1.67
CA VAL A 36 29.61 16.56 1.03
C VAL A 36 29.66 17.66 2.12
N ASP A 37 30.31 18.78 1.80
CA ASP A 37 30.38 19.91 2.70
C ASP A 37 29.07 20.72 2.56
N ARG A 38 28.23 20.64 3.57
CA ARG A 38 26.92 21.32 3.53
C ARG A 38 26.91 22.76 4.03
N THR A 39 28.07 23.31 4.44
CA THR A 39 28.21 24.66 5.01
C THR A 39 27.48 25.72 4.20
N GLU A 40 27.81 25.85 2.90
CA GLU A 40 27.23 26.87 2.03
C GLU A 40 25.73 26.69 1.86
N ALA A 41 25.28 25.42 1.62
CA ALA A 41 23.84 25.20 1.44
C ALA A 41 23.08 25.51 2.71
N LYS A 42 23.60 25.10 3.89
CA LYS A 42 22.91 25.39 5.17
C LYS A 42 22.76 26.89 5.38
N GLU A 43 23.81 27.67 5.08
CA GLU A 43 23.78 29.13 5.22
C GLU A 43 22.76 29.76 4.26
N GLY A 44 22.74 29.30 2.99
CA GLY A 44 21.80 29.83 2.01
C GLY A 44 20.36 29.45 2.33
N LEU A 45 20.13 28.20 2.80
CA LEU A 45 18.79 27.73 3.18
C LEU A 45 18.26 28.50 4.38
N LYS A 46 19.16 28.82 5.34
CA LYS A 46 18.83 29.61 6.55
C LYS A 46 18.33 31.00 6.15
N ARG A 47 18.87 31.56 5.04
N ARG A 47 18.87 31.54 5.04
CA ARG A 47 18.55 32.87 4.48
CA ARG A 47 18.55 32.86 4.48
C ARG A 47 17.33 32.85 3.53
C ARG A 47 17.38 32.83 3.48
N GLY A 48 16.76 31.66 3.33
CA GLY A 48 15.60 31.47 2.47
C GLY A 48 15.91 31.48 0.99
N GLU A 49 17.16 31.18 0.62
CA GLU A 49 17.55 31.11 -0.79
C GLU A 49 16.89 29.85 -1.40
N THR A 50 16.36 29.98 -2.64
CA THR A 50 15.62 28.88 -3.31
C THR A 50 16.30 28.38 -4.55
N THR A 51 17.45 28.95 -4.90
CA THR A 51 18.17 28.47 -6.07
C THR A 51 19.50 27.86 -5.66
N HIS A 52 20.05 26.98 -6.53
CA HIS A 52 21.34 26.30 -6.41
C HIS A 52 21.41 25.27 -5.30
N HIS A 53 20.98 25.60 -4.07
CA HIS A 53 21.16 24.64 -2.97
C HIS A 53 20.34 23.37 -3.04
N ALA A 54 20.98 22.25 -2.63
CA ALA A 54 20.31 20.99 -2.37
C ALA A 54 19.63 21.16 -0.99
N VAL A 55 18.40 20.65 -0.85
CA VAL A 55 17.68 20.82 0.43
C VAL A 55 18.19 19.91 1.54
N SER A 56 18.93 18.87 1.15
CA SER A 56 19.42 17.87 2.11
C SER A 56 20.65 17.22 1.49
N ARG A 57 21.30 16.33 2.25
CA ARG A 57 22.42 15.54 1.76
C ARG A 57 21.96 14.49 0.71
N GLY A 58 20.65 14.31 0.60
CA GLY A 58 20.06 13.30 -0.28
C GLY A 58 20.37 13.53 -1.75
N SER A 59 20.42 14.82 -2.17
CA SER A 59 20.72 15.07 -3.61
C SER A 59 22.08 14.49 -3.99
N ALA A 60 23.12 14.73 -3.19
CA ALA A 60 24.46 14.18 -3.50
C ALA A 60 24.45 12.65 -3.42
N LYS A 61 23.64 12.12 -2.45
CA LYS A 61 23.57 10.65 -2.25
C LYS A 61 23.04 9.94 -3.50
N LEU A 62 21.91 10.44 -4.06
CA LEU A 62 21.34 9.84 -5.27
C LEU A 62 22.25 10.12 -6.47
N GLN A 63 22.82 11.33 -6.53
CA GLN A 63 23.77 11.71 -7.57
C GLN A 63 24.87 10.65 -7.69
N TRP A 64 25.38 10.17 -6.55
CA TRP A 64 26.45 9.16 -6.61
C TRP A 64 26.04 7.95 -7.47
N PHE A 65 24.81 7.44 -7.30
CA PHE A 65 24.33 6.30 -8.08
C PHE A 65 24.12 6.72 -9.53
N VAL A 66 23.48 7.89 -9.77
CA VAL A 66 23.14 8.31 -11.13
C VAL A 66 24.38 8.53 -11.98
N GLU A 67 25.40 9.18 -11.41
CA GLU A 67 26.64 9.43 -12.18
C GLU A 67 27.39 8.15 -12.54
N ARG A 68 27.07 7.05 -11.85
CA ARG A 68 27.67 5.73 -12.09
C ARG A 68 26.71 4.84 -12.93
N ASN A 69 25.62 5.43 -13.45
CA ASN A 69 24.64 4.75 -14.32
C ASN A 69 23.91 3.61 -13.61
N MET A 70 23.96 3.57 -12.27
CA MET A 70 23.32 2.51 -11.49
C MET A 70 21.80 2.59 -11.54
N VAL A 71 21.29 3.80 -11.65
CA VAL A 71 19.88 4.08 -11.91
C VAL A 71 19.93 5.26 -12.84
N ILE A 72 19.13 5.23 -13.90
CA ILE A 72 19.15 6.28 -14.92
C ILE A 72 17.76 6.87 -14.95
N PRO A 73 17.51 7.92 -14.15
CA PRO A 73 16.15 8.48 -14.08
C PRO A 73 15.66 8.95 -15.43
N GLU A 74 14.38 8.64 -15.70
CA GLU A 74 13.77 9.01 -16.99
C GLU A 74 12.25 9.06 -16.86
N GLY A 75 11.62 9.80 -17.76
CA GLY A 75 10.18 9.89 -17.82
C GLY A 75 9.55 10.40 -16.54
N ARG A 76 8.48 9.72 -16.11
CA ARG A 76 7.75 10.06 -14.91
C ARG A 76 8.47 9.35 -13.74
N VAL A 77 9.06 10.14 -12.83
CA VAL A 77 9.81 9.66 -11.66
C VAL A 77 8.91 9.76 -10.43
N ILE A 78 8.80 8.65 -9.65
CA ILE A 78 8.07 8.63 -8.38
C ILE A 78 9.17 8.57 -7.30
N ASP A 79 9.06 9.45 -6.26
CA ASP A 79 10.05 9.49 -5.20
C ASP A 79 9.31 9.23 -3.89
N LEU A 80 9.36 7.96 -3.41
CA LEU A 80 8.65 7.54 -2.19
C LEU A 80 9.47 7.88 -0.94
N GLY A 81 8.85 8.61 -0.01
CA GLY A 81 9.51 9.09 1.19
C GLY A 81 10.44 10.23 0.82
N CYS A 82 9.90 11.24 0.12
CA CYS A 82 10.76 12.31 -0.43
C CYS A 82 11.31 13.23 0.64
N GLY A 83 10.73 13.23 1.84
CA GLY A 83 11.18 14.14 2.88
C GLY A 83 11.20 15.58 2.37
N ARG A 84 12.33 16.28 2.61
CA ARG A 84 12.52 17.67 2.15
C ARG A 84 12.53 17.79 0.62
N GLY A 85 12.89 16.69 -0.07
CA GLY A 85 12.87 16.63 -1.52
C GLY A 85 14.20 16.51 -2.25
N GLY A 86 15.28 16.12 -1.55
CA GLY A 86 16.60 16.08 -2.22
C GLY A 86 16.69 15.24 -3.47
N TRP A 87 16.07 14.04 -3.45
CA TRP A 87 16.14 13.16 -4.64
C TRP A 87 15.28 13.75 -5.77
N SER A 88 14.13 14.34 -5.41
CA SER A 88 13.21 14.89 -6.40
C SER A 88 13.81 16.07 -7.12
N TYR A 89 14.39 17.03 -6.37
CA TYR A 89 14.99 18.20 -7.00
C TYR A 89 16.23 17.82 -7.84
N TYR A 90 17.01 16.80 -7.39
CA TYR A 90 18.12 16.35 -8.24
C TYR A 90 17.57 15.76 -9.59
N CYS A 91 16.57 14.85 -9.51
CA CYS A 91 16.03 14.24 -10.77
C CYS A 91 15.44 15.28 -11.69
N ALA A 92 14.86 16.37 -11.11
CA ALA A 92 14.20 17.42 -11.90
C ALA A 92 15.10 18.08 -12.92
N GLY A 93 16.42 18.09 -12.67
CA GLY A 93 17.41 18.66 -13.59
C GLY A 93 17.98 17.74 -14.65
N LEU A 94 17.57 16.45 -14.66
CA LEU A 94 18.11 15.44 -15.60
C LEU A 94 17.32 15.45 -16.92
N LYS A 95 18.04 15.57 -18.06
CA LYS A 95 17.40 15.69 -19.39
C LYS A 95 16.31 14.62 -19.73
N LYS A 96 16.51 13.33 -19.35
CA LYS A 96 15.54 12.26 -19.67
C LYS A 96 14.25 12.33 -18.81
N VAL A 97 14.30 13.10 -17.73
CA VAL A 97 13.17 13.21 -16.78
C VAL A 97 12.14 14.22 -17.26
N THR A 98 10.85 13.83 -17.21
CA THR A 98 9.75 14.67 -17.66
C THR A 98 8.81 15.12 -16.54
N GLU A 99 8.76 14.36 -15.43
CA GLU A 99 7.87 14.69 -14.33
C GLU A 99 8.45 14.03 -13.07
N VAL A 100 8.34 14.72 -11.92
CA VAL A 100 8.77 14.16 -10.63
C VAL A 100 7.62 14.30 -9.67
N ARG A 101 7.18 13.18 -9.07
CA ARG A 101 6.09 13.22 -8.10
C ARG A 101 6.67 12.63 -6.82
N GLY A 102 6.79 13.44 -5.76
CA GLY A 102 7.34 13.00 -4.48
C GLY A 102 6.25 12.84 -3.44
N TYR A 103 6.30 11.75 -2.64
CA TYR A 103 5.30 11.53 -1.57
C TYR A 103 6.00 11.38 -0.26
N THR A 104 5.50 12.01 0.80
CA THR A 104 6.15 11.84 2.10
C THR A 104 5.09 11.96 3.19
N LYS A 105 5.37 11.39 4.34
CA LYS A 105 4.40 11.37 5.46
C LYS A 105 4.16 12.76 6.09
N GLY A 106 5.24 13.46 6.40
CA GLY A 106 5.17 14.75 7.10
C GLY A 106 4.58 14.59 8.50
N GLY A 107 4.26 15.72 9.12
CA GLY A 107 3.70 15.73 10.47
C GLY A 107 4.77 15.44 11.51
N PRO A 108 4.38 15.34 12.79
CA PRO A 108 5.38 15.11 13.86
C PRO A 108 6.29 13.92 13.58
N GLY A 109 7.60 14.17 13.74
CA GLY A 109 8.64 13.17 13.57
C GLY A 109 9.15 12.98 12.16
N HIS A 110 8.55 13.71 11.17
CA HIS A 110 8.82 13.50 9.76
C HIS A 110 9.09 14.82 9.05
N GLU A 111 9.96 14.75 8.03
N GLU A 111 10.06 14.83 8.14
CA GLU A 111 10.38 15.93 7.25
CA GLU A 111 10.34 16.11 7.50
C GLU A 111 9.30 16.44 6.34
C GLU A 111 9.24 16.48 6.54
N GLU A 112 9.11 17.77 6.29
CA GLU A 112 8.16 18.34 5.35
C GLU A 112 8.91 18.72 4.05
N PRO A 113 8.24 18.63 2.89
CA PRO A 113 8.89 19.08 1.63
C PRO A 113 9.26 20.56 1.72
N VAL A 114 10.42 20.90 1.11
CA VAL A 114 10.92 22.28 1.10
C VAL A 114 10.69 22.80 -0.31
N PRO A 115 9.94 23.89 -0.52
CA PRO A 115 9.77 24.41 -1.89
C PRO A 115 11.05 25.06 -2.37
N MET A 116 11.46 24.75 -3.62
CA MET A 116 12.68 25.32 -4.21
C MET A 116 12.45 25.72 -5.66
N SER A 117 13.38 26.52 -6.20
CA SER A 117 13.30 26.96 -7.59
C SER A 117 14.60 26.57 -8.30
N THR A 118 15.11 25.36 -7.95
CA THR A 118 16.29 24.81 -8.59
C THR A 118 15.90 24.37 -9.99
N TYR A 119 16.91 24.08 -10.83
CA TYR A 119 16.65 23.77 -12.22
C TYR A 119 15.63 22.64 -12.37
N GLY A 120 14.58 22.90 -13.17
CA GLY A 120 13.54 21.90 -13.40
C GLY A 120 12.45 21.85 -12.36
N TRP A 121 12.43 22.82 -11.42
CA TRP A 121 11.45 22.84 -10.34
C TRP A 121 10.00 22.71 -10.85
N ASN A 122 9.72 23.21 -12.08
CA ASN A 122 8.37 23.22 -12.62
C ASN A 122 7.81 21.82 -12.93
N ILE A 123 8.67 20.78 -12.99
CA ILE A 123 8.17 19.43 -13.27
C ILE A 123 8.00 18.63 -11.98
N VAL A 124 8.22 19.27 -10.82
CA VAL A 124 8.15 18.64 -9.48
C VAL A 124 6.84 18.97 -8.76
N LYS A 125 6.25 17.94 -8.13
CA LYS A 125 5.13 18.05 -7.22
C LYS A 125 5.49 17.16 -6.03
N LEU A 126 5.65 17.80 -4.87
CA LEU A 126 5.93 17.10 -3.60
C LEU A 126 4.67 17.15 -2.79
N MET A 127 4.20 15.99 -2.31
N MET A 127 4.21 15.99 -2.30
CA MET A 127 2.98 15.94 -1.51
CA MET A 127 2.97 15.90 -1.53
C MET A 127 3.22 15.31 -0.17
C MET A 127 3.22 15.30 -0.17
N SER A 128 2.91 16.07 0.89
CA SER A 128 3.06 15.61 2.27
C SER A 128 1.73 15.01 2.73
N GLY A 129 1.73 14.41 3.93
CA GLY A 129 0.52 13.79 4.47
C GLY A 129 0.17 12.50 3.73
N LYS A 130 1.20 11.89 3.08
CA LYS A 130 1.05 10.69 2.26
C LYS A 130 1.86 9.53 2.85
N ASP A 131 1.17 8.59 3.48
CA ASP A 131 1.82 7.39 4.00
C ASP A 131 1.82 6.39 2.83
N VAL A 132 3.01 6.07 2.28
CA VAL A 132 3.10 5.22 1.10
C VAL A 132 2.54 3.80 1.31
N PHE A 133 2.41 3.33 2.55
CA PHE A 133 1.88 1.99 2.83
C PHE A 133 0.36 1.93 2.59
N TYR A 134 -0.27 3.10 2.33
CA TYR A 134 -1.68 3.15 2.01
C TYR A 134 -1.93 3.71 0.60
N LEU A 135 -0.87 3.95 -0.18
CA LEU A 135 -1.04 4.51 -1.53
C LEU A 135 -1.15 3.40 -2.57
N PRO A 136 -2.12 3.51 -3.50
CA PRO A 136 -2.18 2.57 -4.62
C PRO A 136 -1.01 2.89 -5.57
N PRO A 137 -0.46 1.88 -6.26
CA PRO A 137 0.66 2.14 -7.20
C PRO A 137 0.21 2.94 -8.41
N GLU A 138 1.14 3.71 -8.99
CA GLU A 138 0.89 4.55 -10.14
C GLU A 138 1.83 4.17 -11.25
N LYS A 139 1.41 4.44 -12.51
CA LYS A 139 2.28 4.25 -13.66
C LYS A 139 3.48 5.22 -13.54
N CYS A 140 4.70 4.71 -13.73
CA CYS A 140 5.91 5.53 -13.70
C CYS A 140 7.02 4.87 -14.46
N ASP A 141 8.01 5.64 -14.87
CA ASP A 141 9.17 5.11 -15.60
C ASP A 141 10.37 4.89 -14.67
N THR A 142 10.38 5.58 -13.53
CA THR A 142 11.46 5.47 -12.53
C THR A 142 10.80 5.43 -11.16
N LEU A 143 11.20 4.45 -10.33
CA LEU A 143 10.67 4.31 -9.00
C LEU A 143 11.82 4.41 -8.02
N LEU A 144 11.76 5.45 -7.18
CA LEU A 144 12.78 5.70 -6.17
C LEU A 144 12.10 5.55 -4.83
N CYS A 145 12.85 5.04 -3.84
CA CYS A 145 12.28 4.91 -2.48
C CYS A 145 13.42 5.01 -1.50
N ASP A 146 13.30 5.94 -0.52
CA ASP A 146 14.39 6.12 0.46
C ASP A 146 13.87 5.97 1.89
N ILE A 147 12.95 5.04 2.08
CA ILE A 147 12.32 4.84 3.38
C ILE A 147 12.97 3.68 4.12
N GLY A 148 13.13 3.87 5.41
CA GLY A 148 13.60 2.81 6.30
C GLY A 148 14.14 3.45 7.57
N GLU A 149 13.35 3.38 8.65
N GLU A 149 13.36 3.37 8.66
CA GLU A 149 13.71 4.01 9.92
CA GLU A 149 13.75 3.98 9.92
C GLU A 149 14.59 3.07 10.73
C GLU A 149 14.62 3.04 10.70
N SER A 150 15.82 3.52 11.09
CA SER A 150 16.74 2.74 11.91
C SER A 150 16.14 2.48 13.30
N SER A 151 16.51 1.34 13.89
CA SER A 151 16.08 0.95 15.23
C SER A 151 17.23 0.16 15.85
N PRO A 152 17.44 0.26 17.18
CA PRO A 152 18.42 -0.62 17.85
C PRO A 152 18.10 -2.11 17.68
N SER A 153 16.80 -2.44 17.44
CA SER A 153 16.34 -3.81 17.21
C SER A 153 16.45 -4.23 15.73
N PRO A 154 17.33 -5.21 15.40
CA PRO A 154 17.38 -5.66 14.00
C PRO A 154 16.13 -6.42 13.57
N THR A 155 15.31 -6.97 14.53
CA THR A 155 14.05 -7.63 14.17
C THR A 155 13.02 -6.56 13.79
N VAL A 156 13.04 -5.38 14.47
CA VAL A 156 12.15 -4.28 14.08
C VAL A 156 12.56 -3.82 12.67
N GLU A 157 13.89 -3.65 12.45
CA GLU A 157 14.38 -3.24 11.14
C GLU A 157 14.07 -4.26 10.04
N GLU A 158 14.11 -5.57 10.37
N GLU A 158 14.11 -5.58 10.36
CA GLU A 158 13.77 -6.64 9.43
CA GLU A 158 13.77 -6.64 9.40
C GLU A 158 12.31 -6.45 8.96
C GLU A 158 12.30 -6.44 8.95
N SER A 159 11.40 -6.20 9.92
CA SER A 159 9.98 -5.97 9.63
C SER A 159 9.82 -4.74 8.72
N ARG A 160 10.49 -3.62 9.09
CA ARG A 160 10.38 -2.39 8.30
C ARG A 160 10.94 -2.57 6.88
N THR A 161 12.03 -3.32 6.74
CA THR A 161 12.66 -3.53 5.41
C THR A 161 11.76 -4.39 4.53
N ILE A 162 11.29 -5.52 5.08
CA ILE A 162 10.41 -6.40 4.35
C ILE A 162 9.14 -5.64 3.92
N ARG A 163 8.54 -4.83 4.83
N ARG A 163 8.54 -4.83 4.83
N ARG A 163 8.55 -4.83 4.84
CA ARG A 163 7.34 -4.05 4.48
CA ARG A 163 7.35 -4.05 4.48
CA ARG A 163 7.36 -4.02 4.54
C ARG A 163 7.64 -3.11 3.29
C ARG A 163 7.63 -3.10 3.30
C ARG A 163 7.63 -3.11 3.32
N VAL A 164 8.83 -2.46 3.29
CA VAL A 164 9.20 -1.58 2.15
C VAL A 164 9.31 -2.41 0.87
N LEU A 165 10.00 -3.57 0.94
CA LEU A 165 10.19 -4.41 -0.28
C LEU A 165 8.86 -4.90 -0.86
N LYS A 166 7.91 -5.30 -0.01
CA LYS A 166 6.60 -5.74 -0.47
C LYS A 166 5.79 -4.56 -1.02
N MET A 167 5.92 -3.36 -0.40
CA MET A 167 5.18 -2.17 -0.86
C MET A 167 5.67 -1.67 -2.23
N VAL A 168 6.99 -1.72 -2.48
CA VAL A 168 7.51 -1.19 -3.74
C VAL A 168 7.20 -2.07 -4.94
N GLU A 169 7.09 -3.40 -4.74
CA GLU A 169 7.00 -4.33 -5.87
C GLU A 169 5.93 -3.98 -6.90
N PRO A 170 4.66 -3.68 -6.49
CA PRO A 170 3.63 -3.29 -7.47
C PRO A 170 3.97 -2.06 -8.31
N TRP A 171 4.87 -1.19 -7.82
CA TRP A 171 5.31 0.02 -8.53
C TRP A 171 6.33 -0.33 -9.62
N LEU A 172 6.98 -1.52 -9.51
CA LEU A 172 8.01 -2.04 -10.42
C LEU A 172 7.38 -2.76 -11.59
N LYS A 173 7.54 -2.20 -12.78
CA LYS A 173 6.93 -2.67 -14.03
C LYS A 173 7.93 -2.41 -15.13
N ASN A 174 9.07 -3.16 -15.11
CA ASN A 174 10.15 -2.98 -16.08
C ASN A 174 10.60 -1.51 -16.11
N ASN A 175 10.75 -0.91 -14.95
N ASN A 175 10.78 -0.95 -14.91
CA ASN A 175 11.17 0.49 -14.85
CA ASN A 175 11.16 0.43 -14.61
C ASN A 175 12.53 0.59 -14.14
C ASN A 175 12.58 0.56 -14.11
N GLN A 176 13.14 1.77 -14.20
CA GLN A 176 14.41 2.08 -13.54
C GLN A 176 14.05 2.19 -12.04
N PHE A 177 14.97 1.80 -11.14
CA PHE A 177 14.63 1.90 -9.71
C PHE A 177 15.86 2.07 -8.85
N CYS A 178 15.64 2.65 -7.66
CA CYS A 178 16.69 2.81 -6.65
C CYS A 178 15.94 2.80 -5.34
N ILE A 179 16.12 1.72 -4.56
CA ILE A 179 15.33 1.51 -3.35
C ILE A 179 16.22 1.26 -2.14
N LYS A 180 16.00 2.04 -1.09
CA LYS A 180 16.77 1.79 0.12
C LYS A 180 16.36 0.46 0.76
N VAL A 181 17.38 -0.31 1.18
CA VAL A 181 17.21 -1.56 1.93
C VAL A 181 17.86 -1.30 3.29
N LEU A 182 17.05 -0.89 4.26
CA LEU A 182 17.55 -0.48 5.57
C LEU A 182 18.39 -1.56 6.22
N ASN A 183 17.88 -2.79 6.27
CA ASN A 183 18.61 -3.87 6.91
C ASN A 183 18.69 -5.01 5.92
N PRO A 184 19.84 -5.13 5.22
CA PRO A 184 19.94 -6.13 4.15
C PRO A 184 20.56 -7.44 4.61
N TYR A 185 20.96 -7.52 5.90
CA TYR A 185 21.69 -8.68 6.39
C TYR A 185 20.84 -9.77 7.04
N MET A 186 19.60 -9.42 7.50
CA MET A 186 18.79 -10.43 8.14
C MET A 186 18.42 -11.51 7.13
N PRO A 187 18.57 -12.81 7.48
CA PRO A 187 18.29 -13.89 6.50
C PRO A 187 16.93 -13.81 5.76
N THR A 188 15.83 -13.41 6.44
N THR A 188 15.85 -13.42 6.44
CA THR A 188 14.52 -13.30 5.78
CA THR A 188 14.53 -13.32 5.78
C THR A 188 14.55 -12.20 4.72
C THR A 188 14.56 -12.19 4.72
N VAL A 189 15.31 -11.11 4.99
CA VAL A 189 15.47 -10.00 4.03
C VAL A 189 16.21 -10.49 2.78
N ILE A 190 17.34 -11.22 2.98
CA ILE A 190 18.10 -11.79 1.86
C ILE A 190 17.16 -12.66 0.98
N GLU A 191 16.32 -13.52 1.59
CA GLU A 191 15.40 -14.39 0.84
C GLU A 191 14.48 -13.55 -0.09
N HIS A 192 13.90 -12.45 0.43
CA HIS A 192 13.05 -11.55 -0.36
C HIS A 192 13.87 -10.87 -1.48
N LEU A 193 15.07 -10.38 -1.14
CA LEU A 193 15.94 -9.73 -2.12
C LEU A 193 16.31 -10.65 -3.26
N GLU A 194 16.62 -11.94 -2.95
CA GLU A 194 17.00 -12.89 -4.00
C GLU A 194 15.82 -13.14 -4.91
N ARG A 195 14.60 -13.26 -4.34
CA ARG A 195 13.36 -13.46 -5.11
C ARG A 195 13.14 -12.24 -6.04
N LEU A 196 13.31 -11.04 -5.48
CA LEU A 196 13.09 -9.80 -6.22
C LEU A 196 14.07 -9.63 -7.36
N GLN A 197 15.35 -9.90 -7.09
CA GLN A 197 16.40 -9.84 -8.10
C GLN A 197 16.13 -10.88 -9.23
N ARG A 198 15.62 -12.08 -8.90
CA ARG A 198 15.30 -13.09 -9.92
C ARG A 198 14.23 -12.56 -10.86
N LYS A 199 13.27 -11.77 -10.33
CA LYS A 199 12.15 -11.24 -11.09
C LYS A 199 12.47 -9.95 -11.85
N HIS A 200 13.04 -8.97 -11.14
CA HIS A 200 13.26 -7.61 -11.61
C HIS A 200 14.72 -7.24 -11.88
N GLY A 201 15.64 -8.15 -11.58
CA GLY A 201 17.07 -7.94 -11.80
C GLY A 201 17.67 -6.90 -10.86
N GLY A 202 18.72 -6.24 -11.32
CA GLY A 202 19.37 -5.22 -10.50
C GLY A 202 20.33 -5.81 -9.49
N MET A 203 20.90 -4.94 -8.64
CA MET A 203 21.87 -5.37 -7.67
C MET A 203 21.84 -4.49 -6.42
N LEU A 204 22.40 -4.99 -5.30
CA LEU A 204 22.48 -4.24 -4.04
C LEU A 204 23.84 -3.56 -4.00
N VAL A 205 23.86 -2.26 -3.71
CA VAL A 205 25.08 -1.43 -3.70
C VAL A 205 25.20 -0.58 -2.45
N ARG A 206 26.41 -0.55 -1.85
CA ARG A 206 26.71 0.28 -0.72
C ARG A 206 27.16 1.66 -1.23
N ASN A 207 26.46 2.71 -0.77
CA ASN A 207 26.82 4.09 -1.11
C ASN A 207 27.93 4.58 -0.15
N PRO A 208 29.07 5.10 -0.67
CA PRO A 208 30.14 5.58 0.22
C PRO A 208 29.75 6.77 1.08
N LEU A 209 28.64 7.47 0.73
N LEU A 209 28.64 7.46 0.74
CA LEU A 209 28.13 8.61 1.49
CA LEU A 209 28.16 8.59 1.51
C LEU A 209 27.26 8.14 2.68
C LEU A 209 27.26 8.14 2.68
N SER A 210 26.98 6.84 2.78
CA SER A 210 26.19 6.33 3.93
C SER A 210 27.11 6.32 5.16
N ARG A 211 26.53 6.63 6.32
CA ARG A 211 27.24 6.61 7.60
C ARG A 211 27.49 5.17 8.05
N ASN A 212 28.53 4.97 8.87
CA ASN A 212 28.86 3.61 9.35
C ASN A 212 27.80 3.15 10.38
N SER A 213 27.00 4.08 10.89
CA SER A 213 25.94 3.79 11.85
C SER A 213 24.69 3.10 11.22
N THR A 214 24.68 2.94 9.89
CA THR A 214 23.63 2.19 9.22
C THR A 214 24.23 1.21 8.24
N HIS A 215 23.60 0.02 8.13
CA HIS A 215 24.05 -1.03 7.20
C HIS A 215 23.27 -0.93 5.89
N GLU A 216 22.57 0.19 5.69
CA GLU A 216 21.76 0.33 4.49
C GLU A 216 22.52 0.07 3.21
N MET A 217 21.84 -0.54 2.23
CA MET A 217 22.35 -0.68 0.86
C MET A 217 21.17 -0.39 -0.02
N TYR A 218 21.42 -0.06 -1.28
CA TYR A 218 20.36 0.31 -2.20
C TYR A 218 20.26 -0.68 -3.29
N TRP A 219 19.02 -1.10 -3.56
CA TRP A 219 18.75 -2.01 -4.66
C TRP A 219 18.52 -1.14 -5.89
N ILE A 220 19.47 -1.21 -6.83
CA ILE A 220 19.44 -0.38 -8.05
C ILE A 220 19.17 -1.27 -9.26
N SER A 221 18.53 -0.70 -10.28
CA SER A 221 18.11 -1.51 -11.43
C SER A 221 19.22 -1.93 -12.39
N ASN A 222 20.28 -1.11 -12.53
CA ASN A 222 21.33 -1.35 -13.54
C ASN A 222 22.59 -1.94 -12.96
N GLY A 223 22.55 -3.23 -12.79
CA GLY A 223 23.67 -3.99 -12.27
C GLY A 223 23.29 -5.42 -12.05
N THR A 224 24.29 -6.27 -11.83
CA THR A 224 24.10 -7.68 -11.52
C THR A 224 25.11 -8.00 -10.44
N GLY A 225 24.95 -9.14 -9.79
CA GLY A 225 25.86 -9.58 -8.76
C GLY A 225 25.23 -10.48 -7.74
N ASN A 226 26.04 -10.92 -6.79
CA ASN A 226 25.64 -11.84 -5.74
C ASN A 226 25.30 -10.99 -4.53
N ILE A 227 24.02 -11.00 -4.13
CA ILE A 227 23.55 -10.17 -3.04
C ILE A 227 24.23 -10.53 -1.71
N VAL A 228 24.26 -11.81 -1.37
CA VAL A 228 24.87 -12.31 -0.12
C VAL A 228 26.32 -11.83 0.00
N SER A 229 27.11 -12.00 -1.07
N SER A 229 27.12 -11.99 -1.08
CA SER A 229 28.49 -11.55 -1.14
CA SER A 229 28.50 -11.53 -1.14
C SER A 229 28.60 -10.04 -0.91
C SER A 229 28.60 -10.03 -0.90
N SER A 230 27.74 -9.23 -1.57
CA SER A 230 27.78 -7.77 -1.40
C SER A 230 27.43 -7.37 0.06
N VAL A 231 26.47 -8.06 0.67
CA VAL A 231 26.06 -7.78 2.04
C VAL A 231 27.17 -8.10 3.06
N ASN A 232 27.78 -9.29 2.93
CA ASN A 232 28.84 -9.66 3.87
C ASN A 232 30.08 -8.75 3.73
N MET A 233 30.35 -8.23 2.51
CA MET A 233 31.45 -7.31 2.29
C MET A 233 31.19 -6.03 3.12
N VAL A 234 29.92 -5.55 3.14
CA VAL A 234 29.62 -4.37 3.95
C VAL A 234 29.75 -4.69 5.45
N SER A 235 29.28 -5.88 5.90
CA SER A 235 29.39 -6.24 7.31
C SER A 235 30.86 -6.24 7.73
N ARG A 236 31.76 -6.80 6.89
CA ARG A 236 33.19 -6.84 7.19
C ARG A 236 33.76 -5.43 7.26
N LEU A 237 33.39 -4.56 6.30
CA LEU A 237 33.86 -3.18 6.28
C LEU A 237 33.45 -2.47 7.56
N LEU A 238 32.18 -2.58 7.91
CA LEU A 238 31.66 -1.89 9.09
C LEU A 238 32.24 -2.43 10.39
N LEU A 239 32.52 -3.73 10.44
CA LEU A 239 33.17 -4.30 11.63
C LEU A 239 34.62 -3.83 11.70
N ASN A 240 35.29 -3.72 10.54
CA ASN A 240 36.68 -3.29 10.53
C ASN A 240 36.79 -1.85 11.01
N ARG A 241 35.75 -1.04 10.72
CA ARG A 241 35.78 0.37 11.13
C ARG A 241 35.65 0.56 12.65
N PHE A 242 35.34 -0.51 13.42
CA PHE A 242 35.36 -0.37 14.88
C PHE A 242 36.80 -0.49 15.43
N THR A 243 37.71 -1.11 14.66
CA THR A 243 39.05 -1.51 15.14
C THR A 243 40.15 -0.47 15.08
N MET A 244 39.86 0.67 14.47
CA MET A 244 40.84 1.71 14.23
C MET A 244 40.34 3.05 14.75
N THR A 245 41.28 3.94 15.11
CA THR A 245 41.01 5.33 15.49
C THR A 245 40.21 5.97 14.33
N HIS A 246 39.32 6.91 14.64
CA HIS A 246 38.50 7.62 13.67
C HIS A 246 39.37 8.14 12.53
N ARG A 247 38.97 7.81 11.29
CA ARG A 247 39.57 8.34 10.05
C ARG A 247 38.65 9.45 9.62
N ARG A 248 39.17 10.66 9.48
CA ARG A 248 38.31 11.76 9.06
C ARG A 248 37.71 11.48 7.67
N PRO A 249 36.48 11.90 7.46
CA PRO A 249 35.84 11.57 6.18
C PRO A 249 36.44 12.29 4.99
N THR A 250 36.27 11.71 3.81
CA THR A 250 36.62 12.33 2.53
C THR A 250 35.57 13.41 2.32
N ILE A 251 35.98 14.69 2.22
CA ILE A 251 35.00 15.78 2.15
C ILE A 251 34.97 16.30 0.73
N GLU A 252 33.79 16.25 0.13
CA GLU A 252 33.60 16.66 -1.27
C GLU A 252 32.71 17.87 -1.39
N LYS A 253 32.71 18.51 -2.57
CA LYS A 253 31.84 19.65 -2.78
C LYS A 253 30.41 19.15 -2.90
N ASP A 254 29.48 19.94 -2.36
CA ASP A 254 28.06 19.61 -2.47
C ASP A 254 27.61 19.95 -3.90
N VAL A 255 26.42 19.45 -4.29
CA VAL A 255 25.85 19.65 -5.63
C VAL A 255 25.22 21.04 -5.80
N ASP A 256 25.38 21.61 -6.98
CA ASP A 256 24.74 22.85 -7.41
C ASP A 256 23.61 22.43 -8.36
N LEU A 257 22.37 22.60 -7.89
CA LEU A 257 21.16 22.21 -8.64
C LEU A 257 20.63 23.34 -9.55
N GLY A 258 21.40 24.41 -9.65
CA GLY A 258 21.12 25.54 -10.55
C GLY A 258 19.81 26.26 -10.29
N ALA A 259 19.24 26.83 -11.39
CA ALA A 259 18.03 27.61 -11.29
C ALA A 259 17.25 27.59 -12.61
N GLY A 260 15.96 27.96 -12.54
CA GLY A 260 15.17 28.05 -13.76
C GLY A 260 14.29 26.88 -14.11
N THR A 261 13.34 27.14 -15.03
CA THR A 261 12.44 26.13 -15.52
C THR A 261 13.11 25.26 -16.57
N ARG A 262 12.48 24.10 -16.84
CA ARG A 262 12.89 23.22 -17.92
C ARG A 262 11.75 23.16 -18.92
N HIS A 263 12.04 22.85 -20.10
N GLU B 7 -3.85 -28.42 6.72
CA GLU B 7 -4.94 -27.60 6.21
C GLU B 7 -4.96 -26.22 6.92
N THR B 8 -5.61 -25.24 6.28
CA THR B 8 -5.62 -23.88 6.79
C THR B 8 -6.55 -23.68 7.96
N LEU B 9 -6.28 -22.63 8.76
CA LEU B 9 -7.13 -22.24 9.88
C LEU B 9 -8.58 -22.00 9.37
N GLY B 10 -8.71 -21.34 8.22
CA GLY B 10 -10.00 -21.06 7.59
C GLY B 10 -10.79 -22.32 7.27
N GLU B 11 -10.11 -23.39 6.77
CA GLU B 11 -10.79 -24.67 6.51
C GLU B 11 -11.26 -25.32 7.82
N LYS B 12 -10.50 -25.13 8.92
CA LYS B 12 -10.86 -25.66 10.25
C LYS B 12 -12.05 -24.91 10.81
N TRP B 13 -12.12 -23.60 10.53
CA TRP B 13 -13.28 -22.79 10.89
C TRP B 13 -14.51 -23.25 10.09
N LYS B 14 -14.32 -23.51 8.77
CA LYS B 14 -15.39 -23.93 7.85
C LYS B 14 -16.02 -25.26 8.30
N LYS B 15 -15.19 -26.23 8.72
CA LYS B 15 -15.66 -27.52 9.23
C LYS B 15 -16.50 -27.35 10.50
N LYS B 16 -16.03 -26.51 11.45
CA LYS B 16 -16.75 -26.21 12.69
C LYS B 16 -18.06 -25.50 12.38
N LEU B 17 -18.03 -24.53 11.44
CA LEU B 17 -19.25 -23.81 11.04
C LEU B 17 -20.34 -24.79 10.55
N ASN B 18 -19.96 -25.74 9.69
CA ASN B 18 -20.87 -26.75 9.11
C ASN B 18 -21.40 -27.77 10.13
N GLN B 19 -20.71 -27.95 11.28
CA GLN B 19 -21.17 -28.88 12.33
C GLN B 19 -22.18 -28.24 13.28
N LEU B 20 -22.32 -26.88 13.27
CA LEU B 20 -23.28 -26.22 14.16
C LEU B 20 -24.73 -26.57 13.84
N SER B 21 -25.60 -26.62 14.88
CA SER B 21 -27.05 -26.80 14.72
C SER B 21 -27.59 -25.45 14.20
N ARG B 22 -28.85 -25.39 13.75
CA ARG B 22 -29.42 -24.13 13.26
C ARG B 22 -29.54 -23.07 14.36
N LYS B 23 -29.76 -23.51 15.62
CA LYS B 23 -29.85 -22.65 16.80
C LYS B 23 -28.47 -22.02 17.10
N GLU B 24 -27.42 -22.85 17.18
CA GLU B 24 -26.04 -22.43 17.46
C GLU B 24 -25.55 -21.45 16.38
N PHE B 25 -25.85 -21.75 15.10
CA PHE B 25 -25.48 -20.94 13.95
C PHE B 25 -26.12 -19.54 14.02
N ASP B 26 -27.44 -19.45 14.36
CA ASP B 26 -28.15 -18.17 14.47
C ASP B 26 -27.57 -17.29 15.57
N LEU B 27 -27.10 -17.90 16.67
CA LEU B 27 -26.46 -17.19 17.77
C LEU B 27 -25.04 -16.76 17.34
N TYR B 28 -24.23 -17.75 16.85
CA TYR B 28 -22.86 -17.48 16.40
C TYR B 28 -22.73 -16.40 15.33
N LYS B 29 -23.55 -16.46 14.27
CA LYS B 29 -23.41 -15.57 13.11
C LYS B 29 -23.39 -14.06 13.44
N LYS B 30 -24.01 -13.67 14.56
CA LYS B 30 -24.07 -12.25 14.93
C LYS B 30 -23.26 -11.89 16.20
N SER B 31 -22.58 -12.86 16.85
CA SER B 31 -21.84 -12.59 18.07
C SER B 31 -20.69 -11.60 17.92
N GLY B 32 -20.77 -10.46 18.62
CA GLY B 32 -19.74 -9.43 18.57
C GLY B 32 -19.63 -8.64 17.28
N ILE B 33 -20.56 -8.83 16.32
CA ILE B 33 -20.48 -8.09 15.05
C ILE B 33 -21.09 -6.68 15.18
N THR B 34 -20.92 -5.82 14.14
CA THR B 34 -21.59 -4.53 14.07
C THR B 34 -22.74 -4.72 13.09
N GLU B 35 -23.88 -4.02 13.32
CA GLU B 35 -25.02 -4.13 12.45
C GLU B 35 -25.74 -2.79 12.45
N VAL B 36 -26.23 -2.39 11.29
CA VAL B 36 -27.05 -1.19 11.23
C VAL B 36 -28.52 -1.56 11.50
N ASP B 37 -29.25 -0.65 12.16
CA ASP B 37 -30.64 -0.86 12.45
C ASP B 37 -31.43 -0.52 11.16
N ARG B 38 -31.95 -1.55 10.49
CA ARG B 38 -32.68 -1.38 9.24
C ARG B 38 -34.19 -1.22 9.44
N THR B 39 -34.67 -1.11 10.71
CA THR B 39 -36.09 -1.01 11.07
C THR B 39 -36.77 0.14 10.32
N GLU B 40 -36.29 1.39 10.50
CA GLU B 40 -36.88 2.56 9.82
C GLU B 40 -36.88 2.43 8.28
N ALA B 41 -35.74 2.00 7.70
CA ALA B 41 -35.53 1.84 6.26
C ALA B 41 -36.43 0.78 5.61
N LYS B 42 -36.57 -0.41 6.22
CA LYS B 42 -37.42 -1.48 5.68
C LYS B 42 -38.87 -1.02 5.57
N GLU B 43 -39.38 -0.36 6.63
CA GLU B 43 -40.74 0.19 6.67
C GLU B 43 -40.91 1.27 5.56
N GLY B 44 -39.92 2.14 5.40
CA GLY B 44 -39.94 3.18 4.38
C GLY B 44 -40.01 2.62 2.98
N LEU B 45 -39.10 1.66 2.65
CA LEU B 45 -39.06 0.95 1.36
C LEU B 45 -40.37 0.23 1.06
N LYS B 46 -40.99 -0.39 2.10
CA LYS B 46 -42.29 -1.06 2.01
C LYS B 46 -43.36 -0.07 1.54
N ARG B 47 -43.27 1.20 1.99
CA ARG B 47 -44.24 2.25 1.64
C ARG B 47 -43.92 2.98 0.33
N GLY B 48 -42.85 2.55 -0.36
CA GLY B 48 -42.43 3.11 -1.63
C GLY B 48 -41.67 4.41 -1.51
N GLU B 49 -41.13 4.70 -0.31
CA GLU B 49 -40.34 5.93 -0.08
C GLU B 49 -39.02 5.80 -0.84
N THR B 50 -38.66 6.86 -1.60
CA THR B 50 -37.49 6.88 -2.45
C THR B 50 -36.40 7.82 -1.98
N THR B 51 -36.60 8.53 -0.86
CA THR B 51 -35.56 9.42 -0.30
C THR B 51 -35.03 8.89 1.04
N HIS B 52 -33.78 9.30 1.39
CA HIS B 52 -33.08 9.00 2.65
C HIS B 52 -32.65 7.58 2.82
N HIS B 53 -33.53 6.60 2.59
CA HIS B 53 -33.20 5.20 2.84
C HIS B 53 -32.16 4.58 1.93
N ALA B 54 -31.32 3.73 2.51
CA ALA B 54 -30.42 2.87 1.74
C ALA B 54 -31.29 1.68 1.31
N VAL B 55 -31.07 1.17 0.10
CA VAL B 55 -31.88 0.05 -0.44
C VAL B 55 -31.54 -1.31 0.22
N SER B 56 -30.35 -1.40 0.79
CA SER B 56 -29.86 -2.64 1.39
C SER B 56 -28.87 -2.27 2.49
N ARG B 57 -28.35 -3.30 3.21
CA ARG B 57 -27.30 -3.11 4.22
C ARG B 57 -25.97 -2.76 3.55
N GLY B 58 -25.92 -2.88 2.22
CA GLY B 58 -24.70 -2.61 1.45
C GLY B 58 -24.17 -1.19 1.54
N SER B 59 -25.07 -0.18 1.62
CA SER B 59 -24.60 1.20 1.70
C SER B 59 -23.75 1.43 2.96
N ALA B 60 -24.25 1.02 4.15
CA ALA B 60 -23.46 1.14 5.38
C ALA B 60 -22.19 0.29 5.30
N LYS B 61 -22.25 -0.88 4.66
CA LYS B 61 -21.07 -1.78 4.54
C LYS B 61 -19.93 -1.07 3.76
N LEU B 62 -20.25 -0.51 2.58
CA LEU B 62 -19.25 0.22 1.78
C LEU B 62 -18.83 1.49 2.53
N GLN B 63 -19.79 2.19 3.23
CA GLN B 63 -19.38 3.38 3.99
C GLN B 63 -18.26 3.04 4.99
N TRP B 64 -18.27 1.86 5.60
CA TRP B 64 -17.24 1.52 6.59
C TRP B 64 -15.83 1.59 5.93
N PHE B 65 -15.70 1.08 4.68
CA PHE B 65 -14.41 1.15 3.98
C PHE B 65 -14.09 2.60 3.55
N VAL B 66 -15.06 3.30 2.95
CA VAL B 66 -14.82 4.66 2.43
C VAL B 66 -14.45 5.66 3.53
N GLU B 67 -15.12 5.55 4.69
CA GLU B 67 -14.81 6.52 5.77
C GLU B 67 -13.42 6.28 6.42
N ARG B 68 -12.76 5.17 6.06
CA ARG B 68 -11.39 4.84 6.52
C ARG B 68 -10.39 4.98 5.36
N ASN B 69 -10.82 5.56 4.22
CA ASN B 69 -9.98 5.82 3.04
C ASN B 69 -9.45 4.52 2.38
N MET B 70 -10.10 3.37 2.64
CA MET B 70 -9.68 2.06 2.10
C MET B 70 -9.90 1.99 0.60
N VAL B 71 -10.97 2.66 0.17
CA VAL B 71 -11.30 2.87 -1.24
C VAL B 71 -11.84 4.30 -1.28
N ILE B 72 -11.44 5.08 -2.25
CA ILE B 72 -11.86 6.48 -2.38
C ILE B 72 -12.64 6.61 -3.71
N PRO B 73 -13.97 6.37 -3.69
CA PRO B 73 -14.76 6.46 -4.94
C PRO B 73 -14.60 7.84 -5.56
N GLU B 74 -14.36 7.86 -6.87
CA GLU B 74 -14.18 9.13 -7.60
C GLU B 74 -14.44 8.89 -9.08
N GLY B 75 -14.78 9.96 -9.80
CA GLY B 75 -15.01 9.90 -11.24
C GLY B 75 -16.04 8.86 -11.65
N ARG B 76 -15.70 8.07 -12.70
CA ARG B 76 -16.59 7.03 -13.24
C ARG B 76 -16.48 5.80 -12.36
N VAL B 77 -17.56 5.50 -11.63
CA VAL B 77 -17.63 4.34 -10.74
C VAL B 77 -18.38 3.21 -11.46
N ILE B 78 -17.77 2.02 -11.47
CA ILE B 78 -18.36 0.80 -12.01
C ILE B 78 -18.66 -0.08 -10.79
N ASP B 79 -19.93 -0.54 -10.66
CA ASP B 79 -20.38 -1.37 -9.56
C ASP B 79 -20.88 -2.71 -10.10
N LEU B 80 -19.99 -3.71 -10.08
CA LEU B 80 -20.28 -5.05 -10.56
C LEU B 80 -21.04 -5.85 -9.49
N GLY B 81 -22.16 -6.41 -9.92
CA GLY B 81 -23.07 -7.14 -9.06
C GLY B 81 -23.76 -6.16 -8.13
N CYS B 82 -24.33 -5.09 -8.70
CA CYS B 82 -24.94 -4.04 -7.87
C CYS B 82 -26.15 -4.49 -7.06
N GLY B 83 -26.83 -5.57 -7.49
CA GLY B 83 -28.06 -6.04 -6.86
C GLY B 83 -29.10 -4.93 -6.80
N ARG B 84 -29.62 -4.67 -5.58
CA ARG B 84 -30.64 -3.61 -5.35
C ARG B 84 -30.01 -2.19 -5.60
N GLY B 85 -28.69 -2.08 -5.43
CA GLY B 85 -27.94 -0.85 -5.67
C GLY B 85 -27.35 -0.10 -4.50
N GLY B 86 -27.24 -0.73 -3.31
CA GLY B 86 -26.71 -0.04 -2.12
C GLY B 86 -25.37 0.63 -2.31
N TRP B 87 -24.39 -0.03 -2.95
CA TRP B 87 -23.09 0.60 -3.17
C TRP B 87 -23.19 1.77 -4.17
N SER B 88 -23.98 1.61 -5.23
CA SER B 88 -24.16 2.63 -6.26
C SER B 88 -24.81 3.90 -5.68
N TYR B 89 -25.90 3.75 -4.90
CA TYR B 89 -26.56 4.92 -4.32
C TYR B 89 -25.71 5.63 -3.27
N TYR B 90 -24.90 4.86 -2.54
CA TYR B 90 -23.98 5.46 -1.59
C TYR B 90 -22.92 6.28 -2.34
N CYS B 91 -22.25 5.70 -3.35
CA CYS B 91 -21.25 6.46 -4.11
C CYS B 91 -21.84 7.69 -4.77
N ALA B 92 -23.11 7.61 -5.23
CA ALA B 92 -23.72 8.73 -5.95
C ALA B 92 -23.74 10.06 -5.17
N GLY B 93 -23.72 9.95 -3.83
CA GLY B 93 -23.73 11.13 -2.97
C GLY B 93 -22.36 11.70 -2.64
N LEU B 94 -21.27 11.03 -3.10
CA LEU B 94 -19.88 11.46 -2.78
C LEU B 94 -19.38 12.52 -3.76
N LYS B 95 -18.84 13.62 -3.22
CA LYS B 95 -18.38 14.80 -3.97
C LYS B 95 -17.49 14.46 -5.17
N LYS B 96 -16.52 13.56 -4.98
CA LYS B 96 -15.58 13.20 -6.05
C LYS B 96 -16.15 12.33 -7.18
N VAL B 97 -17.33 11.72 -6.96
CA VAL B 97 -17.94 10.82 -7.93
C VAL B 97 -18.69 11.62 -9.01
N THR B 98 -18.52 11.23 -10.29
CA THR B 98 -19.20 11.95 -11.39
C THR B 98 -20.23 11.09 -12.14
N GLU B 99 -20.10 9.75 -12.07
CA GLU B 99 -20.97 8.83 -12.78
C GLU B 99 -20.95 7.48 -12.08
N VAL B 100 -22.10 6.83 -11.95
CA VAL B 100 -22.15 5.49 -11.34
C VAL B 100 -22.86 4.56 -12.32
N ARG B 101 -22.22 3.45 -12.69
CA ARG B 101 -22.83 2.46 -13.56
C ARG B 101 -22.83 1.13 -12.85
N GLY B 102 -24.01 0.69 -12.44
CA GLY B 102 -24.20 -0.57 -11.75
C GLY B 102 -24.69 -1.65 -12.68
N TYR B 103 -24.08 -2.85 -12.59
CA TYR B 103 -24.47 -3.96 -13.45
C TYR B 103 -24.82 -5.18 -12.61
N THR B 104 -25.98 -5.81 -12.86
CA THR B 104 -26.38 -6.98 -12.07
C THR B 104 -27.15 -7.99 -12.96
N LYS B 105 -27.09 -9.28 -12.58
CA LYS B 105 -27.72 -10.38 -13.32
C LYS B 105 -29.24 -10.28 -13.30
N GLY B 106 -29.83 -10.13 -12.10
CA GLY B 106 -31.28 -10.08 -11.98
C GLY B 106 -31.89 -11.43 -12.31
N GLY B 107 -33.20 -11.46 -12.53
CA GLY B 107 -33.90 -12.69 -12.87
C GLY B 107 -34.29 -13.54 -11.66
N PRO B 108 -34.82 -14.77 -11.90
CA PRO B 108 -35.23 -15.61 -10.76
C PRO B 108 -34.14 -15.89 -9.72
N GLY B 109 -34.47 -15.63 -8.46
CA GLY B 109 -33.58 -15.80 -7.31
C GLY B 109 -32.47 -14.77 -7.10
N HIS B 110 -32.49 -13.67 -7.88
CA HIS B 110 -31.50 -12.60 -7.82
C HIS B 110 -32.12 -11.23 -7.66
N GLU B 111 -31.53 -10.41 -6.78
CA GLU B 111 -32.04 -9.08 -6.51
CA GLU B 111 -31.96 -9.05 -6.48
C GLU B 111 -32.07 -8.19 -7.75
N GLU B 112 -33.12 -7.38 -7.84
CA GLU B 112 -33.31 -6.46 -8.94
C GLU B 112 -32.95 -5.04 -8.48
N PRO B 113 -32.37 -4.18 -9.34
CA PRO B 113 -32.14 -2.77 -8.96
C PRO B 113 -33.44 -2.08 -8.49
N VAL B 114 -33.35 -1.32 -7.38
CA VAL B 114 -34.47 -0.60 -6.77
C VAL B 114 -34.31 0.88 -7.18
N PRO B 115 -35.27 1.48 -7.94
CA PRO B 115 -35.15 2.90 -8.27
C PRO B 115 -35.28 3.79 -7.02
N MET B 116 -34.37 4.76 -6.83
CA MET B 116 -34.41 5.65 -5.69
C MET B 116 -34.18 7.10 -6.10
N SER B 117 -34.48 8.01 -5.18
CA SER B 117 -34.32 9.44 -5.39
C SER B 117 -33.40 10.03 -4.29
N THR B 118 -32.47 9.20 -3.76
CA THR B 118 -31.50 9.63 -2.78
C THR B 118 -30.51 10.61 -3.45
N TYR B 119 -29.76 11.34 -2.63
CA TYR B 119 -28.89 12.39 -3.15
C TYR B 119 -27.95 11.89 -4.23
N GLY B 120 -27.99 12.55 -5.40
CA GLY B 120 -27.12 12.15 -6.52
C GLY B 120 -27.70 11.06 -7.39
N TRP B 121 -28.97 10.69 -7.16
CA TRP B 121 -29.63 9.59 -7.91
C TRP B 121 -29.50 9.78 -9.43
N ASN B 122 -29.48 11.04 -9.93
CA ASN B 122 -29.41 11.32 -11.36
C ASN B 122 -28.12 10.87 -12.06
N ILE B 123 -27.01 10.66 -11.30
CA ILE B 123 -25.75 10.22 -11.93
C ILE B 123 -25.61 8.68 -11.93
N VAL B 124 -26.68 7.98 -11.52
CA VAL B 124 -26.71 6.52 -11.44
C VAL B 124 -27.48 5.89 -12.59
N LYS B 125 -26.95 4.78 -13.14
CA LYS B 125 -27.64 3.98 -14.13
C LYS B 125 -27.40 2.55 -13.70
N LEU B 126 -28.45 1.89 -13.17
CA LEU B 126 -28.41 0.50 -12.72
C LEU B 126 -29.00 -0.35 -13.82
N MET B 127 -28.28 -1.41 -14.21
CA MET B 127 -28.73 -2.26 -15.30
C MET B 127 -28.87 -3.69 -14.90
N SER B 128 -30.09 -4.23 -15.03
CA SER B 128 -30.30 -5.65 -14.74
C SER B 128 -30.12 -6.41 -16.04
N GLY B 129 -30.11 -7.76 -15.96
CA GLY B 129 -29.94 -8.64 -17.11
C GLY B 129 -28.53 -8.65 -17.67
N LYS B 130 -27.54 -8.24 -16.83
CA LYS B 130 -26.14 -8.12 -17.20
C LYS B 130 -25.24 -9.06 -16.41
N ASP B 131 -24.73 -10.10 -17.07
CA ASP B 131 -23.80 -11.07 -16.47
C ASP B 131 -22.42 -10.44 -16.66
N VAL B 132 -21.81 -9.96 -15.56
CA VAL B 132 -20.52 -9.25 -15.58
C VAL B 132 -19.39 -10.12 -16.15
N PHE B 133 -19.56 -11.45 -16.13
CA PHE B 133 -18.60 -12.39 -16.73
C PHE B 133 -18.63 -12.22 -18.25
N TYR B 134 -19.80 -11.81 -18.80
CA TYR B 134 -19.96 -11.55 -20.24
C TYR B 134 -20.04 -10.02 -20.53
N LEU B 135 -19.51 -9.19 -19.60
CA LEU B 135 -19.44 -7.72 -19.71
C LEU B 135 -18.00 -7.33 -20.11
N PRO B 136 -17.77 -6.68 -21.28
CA PRO B 136 -16.39 -6.29 -21.66
C PRO B 136 -15.82 -5.21 -20.73
N PRO B 137 -14.56 -5.34 -20.24
CA PRO B 137 -13.99 -4.32 -19.34
C PRO B 137 -13.92 -2.93 -19.96
N GLU B 138 -14.45 -1.93 -19.22
CA GLU B 138 -14.55 -0.51 -19.59
C GLU B 138 -13.56 0.33 -18.77
N LYS B 139 -13.16 1.50 -19.30
CA LYS B 139 -12.26 2.42 -18.61
C LYS B 139 -13.01 3.08 -17.45
N CYS B 140 -12.52 2.96 -16.21
CA CYS B 140 -13.20 3.58 -15.08
C CYS B 140 -12.18 4.04 -14.03
N ASP B 141 -12.62 4.92 -13.11
CA ASP B 141 -11.76 5.45 -12.05
C ASP B 141 -11.88 4.67 -10.75
N THR B 142 -13.05 4.01 -10.53
CA THR B 142 -13.31 3.19 -9.36
C THR B 142 -13.98 1.90 -9.82
N LEU B 143 -13.42 0.75 -9.42
CA LEU B 143 -14.00 -0.54 -9.76
C LEU B 143 -14.50 -1.18 -8.46
N LEU B 144 -15.81 -1.34 -8.32
CA LEU B 144 -16.39 -2.03 -7.17
C LEU B 144 -16.98 -3.35 -7.63
N CYS B 145 -16.81 -4.40 -6.80
CA CYS B 145 -17.36 -5.72 -7.11
C CYS B 145 -17.74 -6.40 -5.79
N ASP B 146 -19.02 -6.81 -5.69
CA ASP B 146 -19.53 -7.40 -4.46
C ASP B 146 -20.20 -8.71 -4.77
N ILE B 147 -19.50 -9.56 -5.56
CA ILE B 147 -20.04 -10.85 -5.99
C ILE B 147 -19.35 -12.02 -5.27
N GLY B 148 -20.17 -12.98 -4.85
CA GLY B 148 -19.69 -14.21 -4.24
C GLY B 148 -20.76 -14.94 -3.46
N GLU B 149 -21.25 -16.06 -4.02
CA GLU B 149 -22.29 -16.88 -3.38
C GLU B 149 -21.68 -17.94 -2.48
N SER B 150 -22.05 -17.92 -1.19
CA SER B 150 -21.59 -18.92 -0.21
C SER B 150 -22.07 -20.35 -0.54
N SER B 151 -21.28 -21.32 -0.12
CA SER B 151 -21.58 -22.73 -0.24
C SER B 151 -21.03 -23.42 0.98
N PRO B 152 -21.70 -24.49 1.48
CA PRO B 152 -21.11 -25.27 2.60
C PRO B 152 -19.76 -25.87 2.18
N SER B 153 -19.56 -26.03 0.85
CA SER B 153 -18.34 -26.59 0.29
C SER B 153 -17.30 -25.49 0.03
N PRO B 154 -16.12 -25.53 0.71
CA PRO B 154 -15.09 -24.52 0.43
C PRO B 154 -14.45 -24.71 -0.96
N THR B 155 -14.52 -25.93 -1.56
CA THR B 155 -13.99 -26.15 -2.92
C THR B 155 -14.92 -25.48 -3.95
N VAL B 156 -16.24 -25.51 -3.71
CA VAL B 156 -17.21 -24.79 -4.56
C VAL B 156 -16.91 -23.27 -4.45
N GLU B 157 -16.71 -22.78 -3.20
CA GLU B 157 -16.41 -21.38 -2.95
C GLU B 157 -15.09 -20.96 -3.59
N GLU B 158 -14.08 -21.84 -3.57
CA GLU B 158 -12.77 -21.59 -4.17
C GLU B 158 -12.95 -21.33 -5.69
N SER B 159 -13.71 -22.22 -6.36
CA SER B 159 -14.00 -22.11 -7.78
C SER B 159 -14.69 -20.77 -8.08
N ARG B 160 -15.69 -20.39 -7.27
CA ARG B 160 -16.47 -19.14 -7.43
C ARG B 160 -15.60 -17.91 -7.23
N THR B 161 -14.72 -17.97 -6.22
CA THR B 161 -13.83 -16.86 -5.88
C THR B 161 -12.78 -16.62 -6.99
N ILE B 162 -12.12 -17.70 -7.45
CA ILE B 162 -11.13 -17.59 -8.52
C ILE B 162 -11.78 -17.03 -9.81
N ARG B 163 -13.01 -17.50 -10.13
CA ARG B 163 -13.77 -17.04 -11.29
C ARG B 163 -13.94 -15.50 -11.21
N VAL B 164 -14.37 -14.98 -10.05
CA VAL B 164 -14.53 -13.53 -9.81
C VAL B 164 -13.16 -12.81 -9.97
N LEU B 165 -12.08 -13.39 -9.39
CA LEU B 165 -10.76 -12.74 -9.45
C LEU B 165 -10.23 -12.61 -10.89
N LYS B 166 -10.42 -13.64 -11.72
CA LYS B 166 -10.00 -13.64 -13.13
C LYS B 166 -10.79 -12.58 -13.89
N MET B 167 -12.07 -12.43 -13.55
CA MET B 167 -12.99 -11.49 -14.19
C MET B 167 -12.65 -10.02 -13.85
N VAL B 168 -12.35 -9.70 -12.56
CA VAL B 168 -12.09 -8.31 -12.15
C VAL B 168 -10.76 -7.77 -12.67
N GLU B 169 -9.71 -8.63 -12.72
CA GLU B 169 -8.36 -8.21 -13.04
C GLU B 169 -8.27 -7.27 -14.25
N PRO B 170 -8.87 -7.54 -15.44
CA PRO B 170 -8.71 -6.60 -16.56
C PRO B 170 -9.37 -5.23 -16.39
N TRP B 171 -10.24 -5.08 -15.37
CA TRP B 171 -10.88 -3.80 -15.07
C TRP B 171 -9.93 -2.92 -14.27
N LEU B 172 -8.83 -3.51 -13.77
CA LEU B 172 -7.88 -2.83 -12.89
C LEU B 172 -6.71 -2.24 -13.66
N LYS B 173 -6.63 -0.90 -13.66
CA LYS B 173 -5.62 -0.13 -14.38
C LYS B 173 -5.27 1.11 -13.55
N ASN B 174 -4.47 0.93 -12.45
CA ASN B 174 -4.09 2.05 -11.56
C ASN B 174 -5.31 2.89 -11.13
N ASN B 175 -6.39 2.21 -10.72
CA ASN B 175 -7.61 2.86 -10.31
C ASN B 175 -8.00 2.42 -8.91
N GLN B 176 -8.99 3.09 -8.31
CA GLN B 176 -9.48 2.74 -6.99
C GLN B 176 -10.29 1.47 -7.11
N PHE B 177 -10.23 0.57 -6.10
CA PHE B 177 -11.05 -0.62 -6.19
C PHE B 177 -11.42 -1.16 -4.82
N CYS B 178 -12.51 -1.91 -4.78
CA CYS B 178 -12.97 -2.62 -3.57
C CYS B 178 -13.74 -3.83 -4.08
N ILE B 179 -13.16 -5.03 -3.86
CA ILE B 179 -13.64 -6.29 -4.46
C ILE B 179 -13.84 -7.37 -3.41
N LYS B 180 -15.06 -7.92 -3.33
CA LYS B 180 -15.33 -9.01 -2.40
C LYS B 180 -14.57 -10.28 -2.80
N VAL B 181 -13.91 -10.89 -1.80
CA VAL B 181 -13.20 -12.14 -1.93
C VAL B 181 -13.98 -13.10 -1.00
N LEU B 182 -14.92 -13.87 -1.61
CA LEU B 182 -15.82 -14.77 -0.91
C LEU B 182 -15.08 -15.73 0.02
N ASN B 183 -14.10 -16.44 -0.53
CA ASN B 183 -13.31 -17.41 0.21
C ASN B 183 -11.83 -17.07 0.04
N PRO B 184 -11.26 -16.35 1.04
CA PRO B 184 -9.87 -15.90 0.89
C PRO B 184 -8.86 -16.86 1.52
N TYR B 185 -9.33 -17.94 2.18
CA TYR B 185 -8.43 -18.81 2.94
C TYR B 185 -7.97 -20.06 2.21
N MET B 186 -8.64 -20.46 1.12
CA MET B 186 -8.19 -21.67 0.39
C MET B 186 -6.82 -21.41 -0.24
N PRO B 187 -5.85 -22.35 -0.08
CA PRO B 187 -4.49 -22.11 -0.61
C PRO B 187 -4.41 -21.62 -2.07
N THR B 188 -5.21 -22.18 -2.99
CA THR B 188 -5.17 -21.72 -4.39
C THR B 188 -5.65 -20.24 -4.50
N VAL B 189 -6.65 -19.84 -3.67
CA VAL B 189 -7.10 -18.44 -3.70
C VAL B 189 -5.98 -17.53 -3.19
N ILE B 190 -5.28 -17.94 -2.10
CA ILE B 190 -4.16 -17.18 -1.53
C ILE B 190 -3.08 -16.94 -2.60
N GLU B 191 -2.73 -17.99 -3.33
CA GLU B 191 -1.74 -17.91 -4.39
C GLU B 191 -2.20 -16.89 -5.47
N HIS B 192 -3.48 -16.94 -5.89
CA HIS B 192 -4.01 -16.00 -6.87
C HIS B 192 -3.93 -14.55 -6.33
N LEU B 193 -4.33 -14.36 -5.06
CA LEU B 193 -4.30 -13.04 -4.40
C LEU B 193 -2.88 -12.47 -4.30
N GLU B 194 -1.89 -13.33 -3.96
CA GLU B 194 -0.51 -12.89 -3.86
C GLU B 194 -0.02 -12.38 -5.23
N ARG B 195 -0.36 -13.12 -6.31
CA ARG B 195 -0.02 -12.77 -7.68
CA ARG B 195 -0.02 -12.75 -7.68
C ARG B 195 -0.67 -11.42 -8.02
N LEU B 196 -1.97 -11.26 -7.72
CA LEU B 196 -2.70 -10.02 -8.00
C LEU B 196 -2.13 -8.80 -7.24
N GLN B 197 -1.76 -9.01 -5.96
CA GLN B 197 -1.19 -7.94 -5.14
C GLN B 197 0.18 -7.53 -5.68
N ARG B 198 1.01 -8.47 -6.18
CA ARG B 198 2.32 -8.06 -6.72
C ARG B 198 2.18 -7.18 -7.97
N LYS B 199 1.08 -7.35 -8.70
CA LYS B 199 0.83 -6.61 -9.93
C LYS B 199 0.06 -5.30 -9.67
N HIS B 200 -0.99 -5.35 -8.84
CA HIS B 200 -1.86 -4.19 -8.63
C HIS B 200 -1.79 -3.52 -7.25
N GLY B 201 -1.06 -4.13 -6.33
CA GLY B 201 -1.00 -3.61 -4.97
C GLY B 201 -2.28 -3.87 -4.21
N GLY B 202 -2.54 -3.02 -3.24
CA GLY B 202 -3.73 -3.17 -2.40
C GLY B 202 -3.52 -4.22 -1.33
N MET B 203 -4.60 -4.53 -0.59
N MET B 203 -4.58 -4.42 -0.51
CA MET B 203 -4.52 -5.53 0.47
CA MET B 203 -4.54 -5.31 0.63
C MET B 203 -5.92 -6.04 0.76
C MET B 203 -5.93 -5.89 0.91
N LEU B 204 -6.02 -7.06 1.59
CA LEU B 204 -7.30 -7.63 2.03
C LEU B 204 -7.65 -7.07 3.40
N VAL B 205 -8.92 -6.68 3.56
CA VAL B 205 -9.43 -6.17 4.83
C VAL B 205 -10.72 -6.90 5.22
N ARG B 206 -10.95 -6.98 6.52
CA ARG B 206 -12.17 -7.54 7.07
C ARG B 206 -13.13 -6.44 7.51
N ASN B 207 -14.36 -6.51 7.07
CA ASN B 207 -15.40 -5.53 7.43
C ASN B 207 -16.13 -6.04 8.69
N PRO B 208 -16.22 -5.25 9.78
CA PRO B 208 -16.91 -5.73 11.01
C PRO B 208 -18.41 -5.85 10.87
N LEU B 209 -18.97 -5.33 9.75
N LEU B 209 -18.99 -5.32 9.76
CA LEU B 209 -20.39 -5.45 9.44
CA LEU B 209 -20.40 -5.49 9.49
C LEU B 209 -20.65 -6.82 8.78
C LEU B 209 -20.66 -6.84 8.79
N SER B 210 -19.57 -7.58 8.43
CA SER B 210 -19.74 -8.94 7.88
C SER B 210 -20.17 -9.87 9.04
N ARG B 211 -21.05 -10.83 8.76
CA ARG B 211 -21.50 -11.78 9.77
C ARG B 211 -20.39 -12.79 10.04
N ASN B 212 -20.39 -13.45 11.22
CA ASN B 212 -19.34 -14.44 11.54
C ASN B 212 -19.47 -15.72 10.71
N SER B 213 -20.64 -15.86 10.05
CA SER B 213 -20.97 -17.02 9.20
C SER B 213 -20.27 -16.97 7.83
N THR B 214 -19.57 -15.86 7.51
CA THR B 214 -18.84 -15.74 6.26
C THR B 214 -17.41 -15.29 6.55
N HIS B 215 -16.44 -15.85 5.83
CA HIS B 215 -15.02 -15.50 5.99
C HIS B 215 -14.63 -14.44 4.93
N GLU B 216 -15.63 -13.86 4.25
CA GLU B 216 -15.37 -12.86 3.23
C GLU B 216 -14.44 -11.75 3.66
N MET B 217 -13.53 -11.36 2.75
CA MET B 217 -12.69 -10.19 2.97
C MET B 217 -12.69 -9.42 1.69
N TYR B 218 -12.32 -8.16 1.74
CA TYR B 218 -12.37 -7.32 0.57
C TYR B 218 -10.99 -6.90 0.17
N TRP B 219 -10.70 -7.00 -1.14
CA TRP B 219 -9.42 -6.55 -1.70
C TRP B 219 -9.61 -5.07 -2.05
N ILE B 220 -8.91 -4.18 -1.32
CA ILE B 220 -9.01 -2.72 -1.46
C ILE B 220 -7.71 -2.20 -2.05
N SER B 221 -7.79 -1.11 -2.82
CA SER B 221 -6.62 -0.58 -3.51
C SER B 221 -5.61 0.12 -2.60
N ASN B 222 -6.08 0.77 -1.52
CA ASN B 222 -5.26 1.67 -0.70
C ASN B 222 -4.66 1.00 0.50
N GLY B 223 -3.66 0.18 0.25
CA GLY B 223 -3.08 -0.57 1.36
C GLY B 223 -2.02 -1.54 0.88
N THR B 224 -1.26 -2.09 1.84
CA THR B 224 -0.17 -3.01 1.58
C THR B 224 -0.16 -3.98 2.75
N GLY B 225 0.70 -4.96 2.68
CA GLY B 225 0.82 -5.87 3.79
C GLY B 225 0.77 -7.32 3.38
N ASN B 226 0.72 -8.18 4.38
CA ASN B 226 0.79 -9.59 4.15
C ASN B 226 -0.59 -10.22 4.09
N ILE B 227 -0.97 -10.70 2.90
CA ILE B 227 -2.27 -11.33 2.66
C ILE B 227 -2.47 -12.56 3.58
N VAL B 228 -1.50 -13.49 3.64
CA VAL B 228 -1.61 -14.68 4.51
C VAL B 228 -1.89 -14.29 5.96
N SER B 229 -1.09 -13.36 6.51
CA SER B 229 -1.26 -12.89 7.89
C SER B 229 -2.66 -12.35 8.08
N SER B 230 -3.12 -11.50 7.13
CA SER B 230 -4.46 -10.90 7.30
C SER B 230 -5.59 -11.96 7.31
N VAL B 231 -5.48 -12.96 6.45
CA VAL B 231 -6.45 -14.04 6.34
C VAL B 231 -6.44 -14.90 7.61
N ASN B 232 -5.25 -15.30 8.07
CA ASN B 232 -5.18 -16.09 9.31
C ASN B 232 -5.68 -15.33 10.54
N MET B 233 -5.49 -14.01 10.58
CA MET B 233 -5.95 -13.17 11.70
C MET B 233 -7.49 -13.29 11.74
N VAL B 234 -8.16 -13.21 10.56
CA VAL B 234 -9.62 -13.35 10.52
C VAL B 234 -10.02 -14.77 10.95
N SER B 235 -9.26 -15.79 10.52
CA SER B 235 -9.64 -17.16 10.91
C SER B 235 -9.56 -17.31 12.42
N ARG B 236 -8.51 -16.77 13.07
N ARG B 236 -8.51 -16.77 13.07
CA ARG B 236 -8.33 -16.85 14.53
CA ARG B 236 -8.33 -16.84 14.52
C ARG B 236 -9.48 -16.10 15.22
C ARG B 236 -9.48 -16.09 15.23
N LEU B 237 -9.84 -14.90 14.71
CA LEU B 237 -10.96 -14.10 15.25
C LEU B 237 -12.26 -14.91 15.23
N LEU B 238 -12.59 -15.50 14.04
CA LEU B 238 -13.84 -16.24 13.85
C LEU B 238 -13.87 -17.52 14.65
N LEU B 239 -12.70 -18.15 14.81
CA LEU B 239 -12.58 -19.35 15.65
C LEU B 239 -12.83 -19.03 17.13
N ASN B 240 -12.20 -17.94 17.66
CA ASN B 240 -12.44 -17.58 19.06
C ASN B 240 -13.90 -17.18 19.29
N ARG B 241 -14.59 -16.66 18.25
CA ARG B 241 -15.99 -16.27 18.40
C ARG B 241 -16.96 -17.43 18.57
N PHE B 242 -16.52 -18.69 18.29
CA PHE B 242 -17.37 -19.85 18.55
C PHE B 242 -17.58 -20.02 20.04
N THR B 243 -16.51 -19.82 20.84
CA THR B 243 -16.50 -20.11 22.28
C THR B 243 -16.66 -18.91 23.21
N MET B 244 -16.27 -17.71 22.78
CA MET B 244 -16.38 -16.54 23.65
C MET B 244 -17.82 -16.33 24.10
N THR B 245 -18.01 -15.71 25.29
CA THR B 245 -19.35 -15.38 25.79
C THR B 245 -20.05 -14.55 24.71
N HIS B 246 -21.27 -14.97 24.32
CA HIS B 246 -22.07 -14.30 23.27
C HIS B 246 -22.26 -12.84 23.59
N ARG B 247 -21.95 -11.98 22.61
CA ARG B 247 -22.21 -10.55 22.73
C ARG B 247 -23.22 -10.22 21.66
N ARG B 248 -24.34 -9.61 22.05
CA ARG B 248 -25.35 -9.21 21.07
C ARG B 248 -24.70 -8.20 20.10
N PRO B 249 -25.09 -8.16 18.82
CA PRO B 249 -24.40 -7.24 17.90
C PRO B 249 -24.46 -5.78 18.31
N THR B 250 -23.40 -5.03 17.95
CA THR B 250 -23.35 -3.59 18.22
C THR B 250 -24.24 -2.93 17.17
N ILE B 251 -25.33 -2.31 17.62
CA ILE B 251 -26.29 -1.67 16.74
C ILE B 251 -25.94 -0.20 16.48
N GLU B 252 -25.81 0.15 15.18
CA GLU B 252 -25.53 1.52 14.76
C GLU B 252 -26.65 2.05 13.89
N LYS B 253 -26.81 3.39 13.85
CA LYS B 253 -27.82 4.01 12.99
C LYS B 253 -27.45 3.74 11.52
N ASP B 254 -28.43 3.43 10.68
CA ASP B 254 -28.18 3.20 9.27
C ASP B 254 -27.86 4.53 8.55
N VAL B 255 -27.28 4.44 7.36
CA VAL B 255 -26.94 5.65 6.59
C VAL B 255 -28.19 6.44 6.18
N ASP B 256 -28.03 7.76 6.08
CA ASP B 256 -29.08 8.65 5.60
C ASP B 256 -28.49 9.18 4.30
N LEU B 257 -29.02 8.69 3.18
CA LEU B 257 -28.53 9.05 1.85
C LEU B 257 -29.22 10.28 1.23
N GLY B 258 -29.97 11.01 2.05
CA GLY B 258 -30.58 12.28 1.65
C GLY B 258 -31.50 12.25 0.46
N ALA B 259 -31.58 13.40 -0.26
CA ALA B 259 -32.52 13.47 -1.38
C ALA B 259 -32.03 14.48 -2.39
N GLY B 260 -32.56 14.40 -3.59
CA GLY B 260 -32.31 15.40 -4.61
C GLY B 260 -31.22 15.14 -5.62
N THR B 261 -31.28 15.91 -6.70
CA THR B 261 -30.29 15.76 -7.77
C THR B 261 -28.98 16.45 -7.39
N ARG B 262 -27.89 16.06 -8.06
CA ARG B 262 -26.58 16.69 -7.96
C ARG B 262 -26.33 17.47 -9.24
N HIS B 263 -26.73 16.97 -10.31
#